data_4WGJ
#
_entry.id   4WGJ
#
_cell.length_a   59.330
_cell.length_b   92.020
_cell.length_c   45.840
_cell.angle_alpha   90.000
_cell.angle_beta   90.000
_cell.angle_gamma   90.000
#
_symmetry.space_group_name_H-M   'P 21 21 2'
#
loop_
_entity.id
_entity.type
_entity.pdbx_description
1 polymer 'BepC protein'
2 non-polymer 'PHOSPHOAMINOPHOSPHONIC ACID-ADENYLATE ESTER'
3 non-polymer 1,2-ETHANEDIOL
4 non-polymer GLYCINE
5 water water
#
_entity_poly.entity_id   1
_entity_poly.type   'polypeptide(L)'
_entity_poly.pdbx_seq_one_letter_code
;MAHHHHHHMEQNYLYKGTTTLKNKYGIKDPNKLYERCNHDVVKEAVNFRHEPPPQNFDAAYLSLIHWSLFHKTFEWAGHT
RDTSFTFEDGTTARMPAMRPKGYEAPFAIGPQIKKELKQLEKTLNQKNNLKGLSHQEFAENAADVFMALEHAHPFRKGNG
RANRMFMEKLGQAAGHTVDFSFITKGRMTTACIEAMQYGNSQPMKDLFEDITHPQKSVILKEFISQM
;
_entity_poly.pdbx_strand_id   A
#
loop_
_chem_comp.id
_chem_comp.type
_chem_comp.name
_chem_comp.formula
ANP non-polymer 'PHOSPHOAMINOPHOSPHONIC ACID-ADENYLATE ESTER' 'C10 H17 N6 O12 P3'
EDO non-polymer 1,2-ETHANEDIOL 'C2 H6 O2'
#
# COMPACT_ATOMS: atom_id res chain seq x y z
N HIS A 7 -19.88 -5.20 -14.80
CA HIS A 7 -19.72 -5.03 -13.36
C HIS A 7 -19.44 -6.36 -12.68
N HIS A 8 -19.49 -7.44 -13.45
CA HIS A 8 -19.47 -8.79 -12.90
C HIS A 8 -18.18 -9.14 -12.17
N MET A 9 -17.04 -8.90 -12.81
CA MET A 9 -15.75 -9.36 -12.25
C MET A 9 -15.50 -8.72 -10.88
N GLU A 10 -15.84 -7.43 -10.76
CA GLU A 10 -15.60 -6.69 -9.52
C GLU A 10 -16.41 -7.26 -8.36
N GLN A 11 -17.65 -7.64 -8.66
CA GLN A 11 -18.55 -8.15 -7.64
C GLN A 11 -18.06 -9.48 -7.04
N ASN A 12 -17.24 -10.21 -7.78
CA ASN A 12 -16.81 -11.52 -7.31
C ASN A 12 -15.77 -11.46 -6.19
N TYR A 13 -15.30 -10.25 -5.87
CA TYR A 13 -14.48 -10.05 -4.67
C TYR A 13 -15.30 -10.13 -3.40
N LEU A 14 -16.60 -9.99 -3.53
CA LEU A 14 -17.50 -9.80 -2.38
C LEU A 14 -18.43 -10.98 -2.18
N TYR A 15 -18.85 -11.22 -0.94
CA TYR A 15 -19.87 -12.24 -0.68
C TYR A 15 -21.18 -11.79 -1.33
N LYS A 16 -21.89 -12.73 -1.95
CA LYS A 16 -23.13 -12.46 -2.66
C LYS A 16 -24.13 -11.68 -1.79
N GLY A 17 -24.51 -10.50 -2.26
CA GLY A 17 -25.50 -9.70 -1.57
C GLY A 17 -24.91 -8.75 -0.54
N THR A 18 -23.63 -8.89 -0.26
CA THR A 18 -22.98 -8.05 0.75
C THR A 18 -21.99 -7.06 0.14
N THR A 19 -21.45 -6.20 1.00
CA THR A 19 -20.35 -5.33 0.63
C THR A 19 -19.07 -5.82 1.32
N THR A 20 -19.08 -7.08 1.74
CA THR A 20 -17.95 -7.66 2.48
C THR A 20 -17.01 -8.47 1.58
N LEU A 21 -15.71 -8.15 1.65
CA LEU A 21 -14.73 -8.88 0.87
C LEU A 21 -14.67 -10.35 1.28
N LYS A 22 -14.66 -11.25 0.31
CA LYS A 22 -14.43 -12.67 0.60
C LYS A 22 -13.12 -12.80 1.34
N ASN A 23 -13.11 -13.62 2.40
CA ASN A 23 -11.92 -13.74 3.22
C ASN A 23 -11.79 -15.15 3.78
N LYS A 24 -10.58 -15.51 4.20
CA LYS A 24 -10.30 -16.89 4.62
C LYS A 24 -10.91 -17.27 5.95
N TYR A 25 -11.38 -16.28 6.70
CA TYR A 25 -12.09 -16.54 7.96
C TYR A 25 -13.54 -16.91 7.71
N GLY A 26 -14.03 -16.63 6.51
CA GLY A 26 -15.44 -16.80 6.20
C GLY A 26 -16.31 -15.79 6.94
N ILE A 27 -15.72 -14.69 7.37
CA ILE A 27 -16.46 -13.68 8.14
C ILE A 27 -17.29 -12.78 7.24
N LYS A 28 -18.62 -12.82 7.41
CA LYS A 28 -19.52 -12.05 6.54
C LYS A 28 -19.77 -10.63 7.04
N ASP A 29 -19.51 -10.40 8.33
CA ASP A 29 -19.72 -9.07 8.91
C ASP A 29 -18.51 -8.21 8.59
N PRO A 30 -18.74 -7.07 7.90
CA PRO A 30 -17.64 -6.21 7.45
C PRO A 30 -16.78 -5.71 8.61
N ASN A 31 -17.41 -5.40 9.74
CA ASN A 31 -16.67 -4.81 10.85
C ASN A 31 -15.85 -5.84 11.61
N LYS A 32 -16.40 -7.04 11.75
CA LYS A 32 -15.67 -8.14 12.33
C LYS A 32 -14.48 -8.54 11.45
N LEU A 33 -14.67 -8.51 10.13
CA LEU A 33 -13.55 -8.78 9.22
C LEU A 33 -12.43 -7.75 9.40
N TYR A 34 -12.81 -6.48 9.42
CA TYR A 34 -11.85 -5.40 9.67
C TYR A 34 -11.03 -5.64 10.94
N GLU A 35 -11.70 -5.99 12.02
CA GLU A 35 -11.04 -6.19 13.31
C GLU A 35 -10.08 -7.39 13.26
N ARG A 36 -10.54 -8.50 12.69
CA ARG A 36 -9.74 -9.72 12.66
C ARG A 36 -8.54 -9.54 11.72
N CYS A 37 -8.78 -8.96 10.56
CA CYS A 37 -7.71 -8.71 9.60
C CYS A 37 -6.62 -7.82 10.22
N ASN A 38 -7.03 -6.70 10.81
CA ASN A 38 -6.09 -5.76 11.40
C ASN A 38 -5.21 -6.47 12.42
N HIS A 39 -5.84 -7.27 13.26
CA HIS A 39 -5.14 -8.06 14.26
C HIS A 39 -4.04 -8.91 13.65
N ASP A 40 -4.38 -9.64 12.58
CA ASP A 40 -3.41 -10.53 11.95
C ASP A 40 -2.30 -9.77 11.25
N VAL A 41 -2.66 -8.68 10.55
CA VAL A 41 -1.68 -7.87 9.85
C VAL A 41 -0.63 -7.28 10.79
N VAL A 42 -1.07 -6.78 11.95
CA VAL A 42 -0.15 -6.21 12.93
C VAL A 42 0.89 -7.24 13.38
N LYS A 43 0.44 -8.46 13.61
CA LYS A 43 1.37 -9.54 13.99
C LYS A 43 2.34 -9.86 12.85
N GLU A 44 1.85 -9.95 11.62
CA GLU A 44 2.73 -10.29 10.50
C GLU A 44 3.70 -9.15 10.22
N ALA A 45 3.29 -7.92 10.51
CA ALA A 45 4.16 -6.76 10.28
C ALA A 45 5.35 -6.77 11.23
N VAL A 46 5.13 -7.19 12.47
CA VAL A 46 6.24 -7.32 13.43
C VAL A 46 7.30 -8.23 12.84
N ASN A 47 6.88 -9.38 12.30
CA ASN A 47 7.81 -10.33 11.68
C ASN A 47 8.50 -9.78 10.44
N PHE A 48 7.75 -9.08 9.60
CA PHE A 48 8.35 -8.63 8.35
C PHE A 48 9.40 -7.54 8.59
N ARG A 49 9.28 -6.78 9.69
CA ARG A 49 10.27 -5.76 10.00
C ARG A 49 11.68 -6.31 10.19
N HIS A 50 11.78 -7.59 10.50
CA HIS A 50 13.07 -8.23 10.75
C HIS A 50 13.73 -8.76 9.47
N GLU A 51 12.96 -8.86 8.38
CA GLU A 51 13.54 -9.31 7.11
C GLU A 51 14.64 -8.36 6.64
N PRO A 52 15.72 -8.92 6.08
CA PRO A 52 16.77 -8.07 5.51
C PRO A 52 16.23 -7.34 4.28
N PRO A 53 16.79 -6.17 3.98
CA PRO A 53 16.27 -5.41 2.84
C PRO A 53 16.49 -6.19 1.55
N PRO A 54 15.61 -6.02 0.57
CA PRO A 54 15.81 -6.68 -0.73
C PRO A 54 16.88 -5.98 -1.53
N GLN A 55 17.39 -6.63 -2.57
CA GLN A 55 18.29 -5.97 -3.51
C GLN A 55 17.54 -4.89 -4.26
N ASN A 56 16.35 -5.23 -4.74
CA ASN A 56 15.53 -4.32 -5.51
C ASN A 56 14.19 -4.04 -4.84
N PHE A 57 13.87 -2.75 -4.72
CA PHE A 57 12.58 -2.31 -4.23
C PHE A 57 11.66 -2.13 -5.42
N ASP A 58 11.00 -3.21 -5.81
CA ASP A 58 10.24 -3.21 -7.05
C ASP A 58 8.83 -3.75 -6.85
N ALA A 59 8.10 -3.93 -7.95
CA ALA A 59 6.71 -4.37 -7.86
C ALA A 59 6.61 -5.73 -7.18
N ALA A 60 7.55 -6.62 -7.49
CA ALA A 60 7.57 -7.94 -6.89
C ALA A 60 7.74 -7.84 -5.37
N TYR A 61 8.58 -6.92 -4.92
CA TYR A 61 8.78 -6.74 -3.47
C TYR A 61 7.50 -6.23 -2.80
N LEU A 62 6.81 -5.29 -3.43
CA LEU A 62 5.54 -4.82 -2.88
C LEU A 62 4.54 -5.97 -2.74
N SER A 63 4.48 -6.83 -3.75
CA SER A 63 3.59 -7.99 -3.69
C SER A 63 4.00 -8.96 -2.59
N LEU A 64 5.30 -9.10 -2.36
CA LEU A 64 5.78 -9.96 -1.27
C LEU A 64 5.32 -9.40 0.08
N ILE A 65 5.43 -8.09 0.21
CA ILE A 65 4.93 -7.42 1.41
C ILE A 65 3.43 -7.69 1.56
N HIS A 66 2.68 -7.51 0.47
CA HIS A 66 1.25 -7.67 0.57
C HIS A 66 0.89 -9.11 0.95
N TRP A 67 1.57 -10.09 0.33
CA TRP A 67 1.31 -11.48 0.67
C TRP A 67 1.64 -11.72 2.14
N SER A 68 2.78 -11.22 2.58
CA SER A 68 3.22 -11.45 3.96
C SER A 68 2.22 -10.88 4.98
N LEU A 69 1.69 -9.69 4.70
CA LEU A 69 0.74 -9.07 5.61
C LEU A 69 -0.65 -9.68 5.54
N PHE A 70 -1.05 -10.13 4.35
CA PHE A 70 -2.47 -10.44 4.13
C PHE A 70 -2.81 -11.89 3.78
N HIS A 71 -1.84 -12.80 3.75
CA HIS A 71 -2.12 -14.16 3.26
C HIS A 71 -3.02 -14.95 4.21
N LYS A 72 -3.08 -14.55 5.48
CA LYS A 72 -4.00 -15.20 6.40
C LYS A 72 -5.44 -14.72 6.20
N THR A 73 -5.60 -13.58 5.52
CA THR A 73 -6.89 -12.91 5.36
C THR A 73 -7.52 -13.13 3.98
N PHE A 74 -6.74 -12.91 2.94
CA PHE A 74 -7.27 -12.93 1.57
C PHE A 74 -6.59 -13.98 0.72
N GLU A 75 -7.40 -14.74 -0.02
CA GLU A 75 -6.87 -15.73 -0.96
C GLU A 75 -5.96 -15.10 -1.99
N TRP A 76 -6.27 -13.86 -2.37
CA TRP A 76 -5.52 -13.15 -3.39
C TRP A 76 -4.40 -12.28 -2.86
N ALA A 77 -3.99 -12.48 -1.60
CA ALA A 77 -2.88 -11.69 -1.04
C ALA A 77 -1.67 -11.81 -1.97
N GLY A 78 -1.01 -10.68 -2.25
CA GLY A 78 0.13 -10.69 -3.15
C GLY A 78 -0.21 -10.52 -4.63
N HIS A 79 -1.49 -10.59 -4.98
CA HIS A 79 -1.90 -10.44 -6.38
C HIS A 79 -2.54 -9.07 -6.59
N THR A 80 -2.18 -8.41 -7.68
CA THR A 80 -2.69 -7.07 -7.95
C THR A 80 -4.05 -7.11 -8.66
N ARG A 81 -4.81 -6.02 -8.54
CA ARG A 81 -6.21 -6.02 -8.97
C ARG A 81 -6.38 -5.89 -10.47
N ASP A 82 -5.29 -5.71 -11.20
CA ASP A 82 -5.33 -5.69 -12.67
C ASP A 82 -5.23 -7.08 -13.26
N THR A 83 -5.01 -8.09 -12.43
CA THR A 83 -4.88 -9.48 -12.89
CA THR A 83 -4.95 -9.44 -12.99
C THR A 83 -6.08 -10.28 -12.42
N SER A 84 -6.64 -11.14 -13.28
CA SER A 84 -7.79 -11.91 -12.86
C SER A 84 -7.39 -12.90 -11.78
N PHE A 85 -8.23 -13.01 -10.76
CA PHE A 85 -7.97 -13.95 -9.70
C PHE A 85 -9.14 -14.90 -9.53
N THR A 86 -8.87 -16.20 -9.55
CA THR A 86 -9.92 -17.19 -9.37
C THR A 86 -9.91 -17.74 -7.94
N PHE A 87 -11.00 -17.50 -7.21
CA PHE A 87 -11.15 -17.98 -5.84
C PHE A 87 -11.32 -19.49 -5.80
N GLU A 88 -11.16 -20.07 -4.61
CA GLU A 88 -11.42 -21.49 -4.44
C GLU A 88 -12.88 -21.80 -4.75
N ASP A 89 -13.75 -20.81 -4.59
CA ASP A 89 -15.19 -21.03 -4.84
C ASP A 89 -15.52 -21.09 -6.34
N GLY A 90 -14.51 -20.84 -7.18
CA GLY A 90 -14.64 -21.01 -8.61
C GLY A 90 -14.91 -19.75 -9.42
N THR A 91 -15.19 -18.65 -8.73
CA THR A 91 -15.48 -17.37 -9.39
C THR A 91 -14.20 -16.58 -9.63
N THR A 92 -14.21 -15.70 -10.62
CA THR A 92 -13.03 -14.94 -10.98
C THR A 92 -13.28 -13.45 -10.83
N ALA A 93 -12.35 -12.76 -10.17
CA ALA A 93 -12.49 -11.34 -9.87
C ALA A 93 -11.34 -10.52 -10.47
N ARG A 94 -11.64 -9.27 -10.81
CA ARG A 94 -10.65 -8.30 -11.24
C ARG A 94 -11.21 -6.91 -10.95
N MET A 95 -10.36 -5.93 -10.69
CA MET A 95 -10.88 -4.59 -10.49
C MET A 95 -9.93 -3.53 -11.04
N PRO A 96 -9.92 -3.36 -12.36
CA PRO A 96 -8.96 -2.43 -12.97
C PRO A 96 -9.19 -0.97 -12.57
N ALA A 97 -10.41 -0.61 -12.19
CA ALA A 97 -10.73 0.78 -11.85
C ALA A 97 -11.22 0.90 -10.42
N MET A 98 -10.59 1.77 -9.63
CA MET A 98 -11.08 2.08 -8.28
C MET A 98 -11.02 3.59 -8.11
N ARG A 99 -12.08 4.13 -7.50
CA ARG A 99 -12.16 5.56 -7.25
C ARG A 99 -12.78 5.73 -5.87
N PRO A 100 -12.11 6.46 -4.97
CA PRO A 100 -12.67 6.65 -3.63
C PRO A 100 -14.07 7.26 -3.71
N LYS A 101 -15.02 6.71 -2.96
CA LYS A 101 -16.39 7.19 -2.97
C LYS A 101 -16.44 8.66 -2.57
N GLY A 102 -17.13 9.47 -3.36
CA GLY A 102 -17.29 10.88 -3.06
C GLY A 102 -16.16 11.75 -3.59
N TYR A 103 -15.22 11.15 -4.31
CA TYR A 103 -14.11 11.91 -4.89
C TYR A 103 -14.00 11.69 -6.39
N GLU A 104 -13.42 12.67 -7.09
CA GLU A 104 -13.38 12.67 -8.54
C GLU A 104 -12.19 11.89 -9.12
N ALA A 105 -11.03 11.99 -8.48
CA ALA A 105 -9.81 11.41 -9.04
C ALA A 105 -9.69 9.94 -8.71
N PRO A 106 -9.54 9.09 -9.74
CA PRO A 106 -9.38 7.64 -9.52
C PRO A 106 -7.94 7.27 -9.22
N PHE A 107 -7.75 6.08 -8.67
CA PHE A 107 -6.41 5.50 -8.63
C PHE A 107 -6.00 5.10 -10.05
N ALA A 108 -4.78 4.58 -10.20
CA ALA A 108 -4.31 4.11 -11.50
C ALA A 108 -5.34 3.12 -12.07
N ILE A 109 -5.65 3.25 -13.35
CA ILE A 109 -6.66 2.39 -13.97
C ILE A 109 -6.03 1.38 -14.90
N GLY A 110 -6.31 0.10 -14.66
CA GLY A 110 -5.97 -0.95 -15.61
C GLY A 110 -4.49 -0.99 -15.90
N PRO A 111 -4.10 -0.81 -17.18
CA PRO A 111 -2.70 -0.82 -17.61
C PRO A 111 -1.84 0.24 -16.90
N GLN A 112 -2.46 1.27 -16.37
CA GLN A 112 -1.72 2.31 -15.64
C GLN A 112 -1.04 1.75 -14.39
N ILE A 113 -1.61 0.70 -13.81
CA ILE A 113 -1.04 0.20 -12.55
C ILE A 113 0.37 -0.33 -12.80
N LYS A 114 0.53 -1.21 -13.78
CA LYS A 114 1.85 -1.72 -14.10
C LYS A 114 2.81 -0.63 -14.57
N LYS A 115 2.29 0.31 -15.36
CA LYS A 115 3.13 1.38 -15.91
C LYS A 115 3.69 2.24 -14.79
N GLU A 116 2.84 2.56 -13.83
CA GLU A 116 3.23 3.41 -12.72
C GLU A 116 4.20 2.70 -11.80
N LEU A 117 3.99 1.41 -11.57
CA LEU A 117 4.93 0.66 -10.75
C LEU A 117 6.28 0.54 -11.43
N LYS A 118 6.27 0.33 -12.75
CA LYS A 118 7.53 0.27 -13.50
C LYS A 118 8.29 1.59 -13.42
N GLN A 119 7.55 2.70 -13.49
CA GLN A 119 8.18 4.02 -13.44
C GLN A 119 8.79 4.27 -12.06
N LEU A 120 8.10 3.80 -11.02
CA LEU A 120 8.63 3.92 -9.66
C LEU A 120 9.88 3.05 -9.49
N GLU A 121 9.86 1.85 -10.08
CA GLU A 121 11.03 0.98 -10.03
C GLU A 121 12.25 1.67 -10.60
N LYS A 122 12.07 2.33 -11.74
CA LYS A 122 13.17 2.99 -12.43
C LYS A 122 13.73 4.14 -11.59
N THR A 123 12.82 4.92 -11.01
CA THR A 123 13.22 6.02 -10.14
C THR A 123 14.03 5.53 -8.94
N LEU A 124 13.56 4.47 -8.29
CA LEU A 124 14.28 3.96 -7.12
C LEU A 124 15.65 3.42 -7.50
N ASN A 125 15.72 2.74 -8.62
CA ASN A 125 16.99 2.22 -9.09
C ASN A 125 17.95 3.38 -9.39
N GLN A 126 17.46 4.41 -10.05
CA GLN A 126 18.27 5.57 -10.39
C GLN A 126 18.77 6.31 -9.14
N LYS A 127 17.92 6.33 -8.11
CA LYS A 127 18.23 7.03 -6.86
C LYS A 127 18.89 6.09 -5.85
N ASN A 128 19.28 4.90 -6.30
CA ASN A 128 19.92 3.90 -5.43
C ASN A 128 19.15 3.67 -4.15
N ASN A 129 17.83 3.50 -4.29
CA ASN A 129 16.95 3.22 -3.16
C ASN A 129 17.05 4.27 -2.05
N LEU A 130 17.26 5.52 -2.46
CA LEU A 130 17.30 6.68 -1.55
C LEU A 130 18.43 6.62 -0.53
N LYS A 131 19.46 5.84 -0.82
CA LYS A 131 20.62 5.77 0.06
C LYS A 131 21.48 7.03 -0.05
N GLY A 132 22.31 7.28 0.96
CA GLY A 132 23.25 8.39 0.92
C GLY A 132 22.62 9.77 1.00
N LEU A 133 21.49 9.87 1.70
CA LEU A 133 20.73 11.13 1.80
C LEU A 133 20.63 11.61 3.24
N SER A 134 20.54 12.92 3.41
CA SER A 134 20.26 13.49 4.74
C SER A 134 18.83 13.18 5.18
N HIS A 135 18.52 13.49 6.43
CA HIS A 135 17.17 13.40 6.96
C HIS A 135 16.15 14.10 6.06
N GLN A 136 16.45 15.36 5.74
CA GLN A 136 15.54 16.19 4.97
C GLN A 136 15.37 15.66 3.55
N GLU A 137 16.48 15.28 2.93
CA GLU A 137 16.46 14.75 1.58
C GLU A 137 15.71 13.43 1.51
N PHE A 138 15.93 12.57 2.48
CA PHE A 138 15.21 11.30 2.48
C PHE A 138 13.71 11.54 2.65
N ALA A 139 13.35 12.40 3.59
CA ALA A 139 11.93 12.64 3.87
C ALA A 139 11.22 13.17 2.62
N GLU A 140 11.89 14.06 1.92
CA GLU A 140 11.33 14.64 0.69
C GLU A 140 11.11 13.61 -0.39
N ASN A 141 12.17 12.85 -0.68
CA ASN A 141 12.10 11.80 -1.69
C ASN A 141 11.15 10.67 -1.33
N ALA A 142 11.11 10.32 -0.04
CA ALA A 142 10.24 9.24 0.42
C ALA A 142 8.77 9.61 0.27
N ALA A 143 8.43 10.87 0.52
CA ALA A 143 7.08 11.36 0.26
C ALA A 143 6.67 11.14 -1.19
N ASP A 144 7.58 11.44 -2.12
CA ASP A 144 7.29 11.25 -3.54
C ASP A 144 7.07 9.77 -3.85
N VAL A 145 7.90 8.92 -3.27
CA VAL A 145 7.76 7.48 -3.50
C VAL A 145 6.42 6.99 -2.98
N PHE A 146 6.06 7.47 -1.80
CA PHE A 146 4.83 7.02 -1.17
C PHE A 146 3.61 7.48 -1.95
N MET A 147 3.64 8.73 -2.42
CA MET A 147 2.54 9.24 -3.24
C MET A 147 2.39 8.43 -4.52
N ALA A 148 3.52 7.98 -5.08
CA ALA A 148 3.45 7.16 -6.29
C ALA A 148 2.81 5.80 -5.97
N LEU A 149 3.21 5.18 -4.85
CA LEU A 149 2.59 3.93 -4.43
C LEU A 149 1.09 4.10 -4.20
N GLU A 150 0.73 5.20 -3.55
CA GLU A 150 -0.66 5.45 -3.15
C GLU A 150 -1.52 5.64 -4.41
N HIS A 151 -0.99 6.31 -5.41
CA HIS A 151 -1.79 6.53 -6.62
C HIS A 151 -1.93 5.20 -7.38
N ALA A 152 -0.86 4.41 -7.41
CA ALA A 152 -0.92 3.12 -8.12
C ALA A 152 -1.97 2.19 -7.50
N HIS A 153 -2.01 2.13 -6.17
CA HIS A 153 -3.07 1.42 -5.43
C HIS A 153 -3.25 0.03 -6.02
N PRO A 154 -2.18 -0.77 -6.05
CA PRO A 154 -2.20 -1.96 -6.91
C PRO A 154 -3.10 -3.10 -6.46
N PHE A 155 -3.59 -3.08 -5.22
CA PHE A 155 -4.36 -4.22 -4.71
C PHE A 155 -5.84 -3.87 -4.48
N ARG A 156 -6.68 -4.90 -4.40
CA ARG A 156 -8.10 -4.68 -4.14
C ARG A 156 -8.30 -4.05 -2.75
N LYS A 157 -7.42 -4.41 -1.82
CA LYS A 157 -7.50 -3.93 -0.44
C LYS A 157 -6.13 -4.14 0.19
N GLY A 158 -5.83 -3.39 1.24
CA GLY A 158 -4.55 -3.55 1.92
C GLY A 158 -3.44 -2.69 1.36
N ASN A 159 -3.79 -1.72 0.52
CA ASN A 159 -2.79 -0.86 -0.11
C ASN A 159 -2.04 0.01 0.88
N GLY A 160 -2.77 0.64 1.79
CA GLY A 160 -2.16 1.52 2.78
C GLY A 160 -1.15 0.77 3.61
N ARG A 161 -1.57 -0.38 4.14
CA ARG A 161 -0.67 -1.14 5.00
C ARG A 161 0.53 -1.67 4.23
N ALA A 162 0.33 -2.16 3.02
CA ALA A 162 1.48 -2.63 2.26
C ALA A 162 2.42 -1.49 1.89
N ASN A 163 1.86 -0.36 1.46
CA ASN A 163 2.66 0.79 1.08
C ASN A 163 3.46 1.35 2.25
N ARG A 164 2.82 1.43 3.42
CA ARG A 164 3.53 1.94 4.60
C ARG A 164 4.68 1.00 4.98
N MET A 165 4.47 -0.30 4.92
CA MET A 165 5.58 -1.23 5.19
C MET A 165 6.70 -1.09 4.15
N PHE A 166 6.33 -0.93 2.88
CA PHE A 166 7.33 -0.67 1.85
C PHE A 166 8.23 0.49 2.26
N MET A 167 7.62 1.55 2.80
CA MET A 167 8.39 2.72 3.22
C MET A 167 9.27 2.43 4.44
N GLU A 168 8.75 1.65 5.38
CA GLU A 168 9.57 1.26 6.53
C GLU A 168 10.82 0.52 6.08
N LYS A 169 10.64 -0.42 5.14
CA LYS A 169 11.75 -1.25 4.68
C LYS A 169 12.72 -0.43 3.84
N LEU A 170 12.19 0.47 3.02
CA LEU A 170 13.03 1.38 2.25
C LEU A 170 13.88 2.24 3.19
N GLY A 171 13.25 2.78 4.23
CA GLY A 171 13.99 3.55 5.23
C GLY A 171 15.08 2.71 5.89
N GLN A 172 14.73 1.49 6.28
CA GLN A 172 15.73 0.59 6.88
C GLN A 172 16.96 0.45 5.99
N ALA A 173 16.72 0.21 4.70
CA ALA A 173 17.82 0.06 3.74
C ALA A 173 18.61 1.35 3.56
N ALA A 174 17.91 2.48 3.64
CA ALA A 174 18.50 3.79 3.33
C ALA A 174 19.17 4.45 4.53
N GLY A 175 18.93 3.91 5.73
CA GLY A 175 19.55 4.46 6.93
C GLY A 175 18.66 5.46 7.67
N HIS A 176 17.35 5.32 7.53
CA HIS A 176 16.39 6.22 8.19
C HIS A 176 15.23 5.44 8.75
N THR A 177 14.90 5.66 10.01
CA THR A 177 13.71 5.02 10.56
C THR A 177 12.45 5.76 10.15
N VAL A 178 11.49 5.01 9.63
CA VAL A 178 10.20 5.53 9.22
C VAL A 178 9.16 4.94 10.15
N ASP A 179 8.53 5.77 10.96
CA ASP A 179 7.71 5.27 12.06
C ASP A 179 6.31 5.87 12.01
N PHE A 180 5.32 5.04 11.67
CA PHE A 180 3.95 5.51 11.55
C PHE A 180 3.13 5.39 12.84
N SER A 181 3.76 4.98 13.94
CA SER A 181 3.08 4.64 15.20
CA SER A 181 3.00 4.57 15.12
C SER A 181 2.07 5.66 15.70
N PHE A 182 2.41 6.93 15.55
CA PHE A 182 1.56 7.97 16.15
C PHE A 182 0.77 8.72 15.08
N ILE A 183 0.66 8.12 13.89
CA ILE A 183 -0.06 8.76 12.79
C ILE A 183 -1.49 8.24 12.73
N THR A 184 -2.44 9.10 13.00
CA THR A 184 -3.84 8.68 13.00
C THR A 184 -4.32 8.41 11.58
N LYS A 185 -5.39 7.64 11.47
CA LYS A 185 -6.04 7.44 10.19
C LYS A 185 -6.41 8.78 9.55
N GLY A 186 -6.92 9.70 10.36
CA GLY A 186 -7.28 11.03 9.89
C GLY A 186 -6.11 11.81 9.32
N ARG A 187 -4.97 11.80 10.02
CA ARG A 187 -3.78 12.51 9.54
C ARG A 187 -3.32 11.94 8.19
N MET A 188 -3.27 10.61 8.09
CA MET A 188 -2.81 9.97 6.86
C MET A 188 -3.79 10.21 5.72
N THR A 189 -5.08 10.04 6.00
CA THR A 189 -6.11 10.25 4.97
C THR A 189 -6.04 11.67 4.42
N THR A 190 -5.94 12.65 5.31
CA THR A 190 -5.82 14.05 4.87
C THR A 190 -4.61 14.23 3.93
N ALA A 191 -3.46 13.68 4.29
CA ALA A 191 -2.27 13.80 3.44
C ALA A 191 -2.49 13.14 2.07
N CYS A 192 -3.08 11.95 2.09
CA CYS A 192 -3.32 11.21 0.85
C CYS A 192 -4.30 11.93 -0.07
N ILE A 193 -5.40 12.41 0.51
CA ILE A 193 -6.43 13.10 -0.27
C ILE A 193 -5.89 14.42 -0.85
N GLU A 194 -5.19 15.21 -0.03
CA GLU A 194 -4.65 16.47 -0.53
C GLU A 194 -3.71 16.23 -1.71
N ALA A 195 -2.89 15.19 -1.62
CA ALA A 195 -1.95 14.89 -2.69
C ALA A 195 -2.67 14.42 -3.94
N MET A 196 -3.53 13.43 -3.80
CA MET A 196 -4.06 12.76 -4.98
C MET A 196 -5.28 13.44 -5.56
N GLN A 197 -6.15 13.97 -4.69
CA GLN A 197 -7.37 14.60 -5.16
C GLN A 197 -7.16 16.07 -5.52
N TYR A 198 -6.26 16.74 -4.81
CA TYR A 198 -6.18 18.19 -4.92
C TYR A 198 -4.82 18.72 -5.39
N GLY A 199 -3.87 17.82 -5.61
CA GLY A 199 -2.57 18.22 -6.15
C GLY A 199 -1.73 19.01 -5.16
N ASN A 200 -1.98 18.79 -3.87
CA ASN A 200 -1.25 19.48 -2.80
C ASN A 200 -0.41 18.49 -2.02
N SER A 201 0.90 18.50 -2.25
CA SER A 201 1.79 17.53 -1.62
CA SER A 201 1.80 17.53 -1.62
C SER A 201 2.35 17.98 -0.27
N GLN A 202 2.04 19.21 0.15
CA GLN A 202 2.64 19.72 1.37
C GLN A 202 2.29 18.90 2.62
N PRO A 203 1.01 18.52 2.80
CA PRO A 203 0.72 17.68 3.97
C PRO A 203 1.51 16.37 4.00
N MET A 204 1.70 15.76 2.83
CA MET A 204 2.45 14.51 2.78
C MET A 204 3.94 14.76 3.07
N LYS A 205 4.47 15.85 2.51
CA LYS A 205 5.85 16.24 2.80
CA LYS A 205 5.85 16.24 2.80
C LYS A 205 6.05 16.43 4.30
N ASP A 206 5.09 17.13 4.93
CA ASP A 206 5.14 17.36 6.37
C ASP A 206 5.08 16.04 7.13
N LEU A 207 4.22 15.15 6.68
CA LEU A 207 4.05 13.86 7.33
CA LEU A 207 4.05 13.85 7.32
C LEU A 207 5.37 13.10 7.33
N PHE A 208 6.03 13.03 6.17
CA PHE A 208 7.28 12.28 6.13
C PHE A 208 8.40 12.96 6.91
N GLU A 209 8.36 14.29 7.01
CA GLU A 209 9.30 14.98 7.90
C GLU A 209 9.03 14.55 9.35
N ASP A 210 7.76 14.35 9.69
CA ASP A 210 7.39 14.07 11.07
C ASP A 210 7.67 12.62 11.48
N ILE A 211 7.76 11.71 10.53
CA ILE A 211 7.90 10.29 10.86
C ILE A 211 9.28 9.71 10.57
N THR A 212 10.15 10.53 9.95
CA THR A 212 11.51 10.10 9.59
C THR A 212 12.53 10.52 10.66
N HIS A 213 13.35 9.56 11.13
CA HIS A 213 14.34 9.84 12.16
C HIS A 213 15.66 9.13 11.80
N PRO A 214 16.79 9.65 12.28
CA PRO A 214 18.03 8.88 12.13
C PRO A 214 17.91 7.51 12.77
N GLN A 215 18.56 6.50 12.18
CA GLN A 215 18.56 5.16 12.75
C GLN A 215 19.37 5.11 14.03
N LYS A 216 18.86 4.37 15.01
CA LYS A 216 19.55 4.19 16.29
C LYS A 216 20.24 2.84 16.37
PG ANP B . -5.58 1.49 5.85
O1G ANP B . -4.83 0.73 7.01
O2G ANP B . -6.60 2.39 6.49
O3G ANP B . -4.52 2.35 5.06
PB ANP B . -5.77 -0.56 3.69
O1B ANP B . -4.42 -0.98 4.18
O2B ANP B . -6.73 -1.77 3.46
N3B ANP B . -6.49 0.46 4.82
PA ANP B . -6.79 0.46 1.28
O1A ANP B . -8.11 0.64 1.95
O2A ANP B . -6.76 -0.48 0.09
O3A ANP B . -5.61 0.12 2.29
O5' ANP B . -6.28 1.90 0.83
C5' ANP B . -6.26 2.97 1.81
C4' ANP B . -5.40 4.11 1.35
O4' ANP B . -6.16 4.97 0.46
C3' ANP B . -4.89 5.00 2.49
O3' ANP B . -3.52 5.37 2.32
C2' ANP B . -5.81 6.21 2.41
O2' ANP B . -5.24 7.40 2.95
C1' ANP B . -6.03 6.31 0.90
N9 ANP B . -7.21 7.07 0.53
C8 ANP B . -8.43 7.09 1.17
N7 ANP B . -9.31 7.89 0.63
C5 ANP B . -8.63 8.45 -0.45
C6 ANP B . -9.01 9.39 -1.42
N6 ANP B . -10.22 9.95 -1.49
N1 ANP B . -8.08 9.74 -2.34
C2 ANP B . -6.87 9.19 -2.29
N3 ANP B . -6.40 8.30 -1.42
C4 ANP B . -7.34 7.96 -0.51
C1 EDO C . 6.65 9.39 15.10
O1 EDO C . 7.60 8.88 14.16
C2 EDO C . 5.27 9.44 14.45
O2 EDO C . 4.75 8.11 14.33
N GLY D . -4.26 4.60 9.02
CA GLY D . -3.37 4.56 10.18
C GLY D . -1.96 5.00 9.83
O GLY D . -1.05 5.00 10.67
OXT GLY D . -1.70 5.35 8.69
N GLY E . -4.77 6.37 15.65
CA GLY E . -3.87 5.53 16.44
C GLY E . -2.41 5.72 16.09
O GLY E . -1.59 6.04 16.96
OXT GLY E . -2.01 5.53 14.95
#